data_3TC1
#
_entry.id   3TC1
#
_cell.length_a   109.330
_cell.length_b   109.330
_cell.length_c   103.410
_cell.angle_alpha   90.000
_cell.angle_beta   90.000
_cell.angle_gamma   90.000
#
_symmetry.space_group_name_H-M   'P 41 21 2'
#
loop_
_entity.id
_entity.type
_entity.pdbx_description
1 polymer 'Octaprenyl Pyrophosphate Synthase'
2 non-polymer 'MAGNESIUM ION'
3 water water
#
_entity_poly.entity_id   1
_entity_poly.type   'polypeptide(L)'
_entity_poly.pdbx_seq_one_letter_code
;MQEKQLKAIQNKIASWIKEIESGFIDELFSKIGPSKMLRSKLMLALLNEKTDAILLDKALNLCTIVEMIQTASLLHDDVI
DKATMRRKLPSINALFGNFNAVMLGDVFYSKAFFELSKMGELIAQALSNAVLRLSRGEIEDVFVGECFNSDKQKYWRILE
DKTAHFIEASLKSMAILLNKDAKIYADFGLNFGMAFQIIDDLLDITQDAKTLGKPNFSDFKEGKTTLPYLLLYEKLNQHD
QGLLISYFKQDSHEIIEWTKEKFKQYGIIEETLKTAQVYSKKALEAIKGENNLILEKLAQDVISRTFLEHHHHHH
;
_entity_poly.pdbx_strand_id   A,B
#
loop_
_chem_comp.id
_chem_comp.type
_chem_comp.name
_chem_comp.formula
MG non-polymer 'MAGNESIUM ION' 'Mg 2'
#
# COMPACT_ATOMS: atom_id res chain seq x y z
N MET A 1 19.91 14.11 17.10
CA MET A 1 18.98 15.11 17.73
C MET A 1 18.97 14.46 19.05
N GLN A 2 17.92 13.78 19.43
CA GLN A 2 18.20 13.18 20.66
C GLN A 2 18.53 11.76 20.28
N GLU A 3 19.83 11.52 20.18
CA GLU A 3 20.37 10.23 19.74
C GLU A 3 19.90 9.05 20.57
N LYS A 4 19.73 9.24 21.87
CA LYS A 4 19.19 8.13 22.65
C LYS A 4 17.75 7.87 22.17
N GLN A 5 16.96 8.91 21.93
CA GLN A 5 15.59 8.67 21.46
C GLN A 5 15.54 8.08 20.09
N LEU A 6 16.36 8.57 19.17
CA LEU A 6 16.38 8.02 17.81
C LEU A 6 16.73 6.55 17.77
N LYS A 7 17.64 6.19 18.65
CA LYS A 7 18.08 4.82 18.80
C LYS A 7 16.94 3.91 19.27
N ALA A 8 16.13 4.43 20.17
CA ALA A 8 15.00 3.68 20.70
C ALA A 8 13.99 3.46 19.59
N ILE A 9 13.81 4.45 18.74
CA ILE A 9 12.87 4.32 17.62
C ILE A 9 13.38 3.29 16.62
N GLN A 10 14.67 3.35 16.33
CA GLN A 10 15.33 2.42 15.43
C GLN A 10 15.07 0.99 15.91
N ASN A 11 15.24 0.79 17.22
CA ASN A 11 15.03 -0.52 17.82
C ASN A 11 13.56 -0.95 17.80
N LYS A 12 12.65 0.01 17.91
CA LYS A 12 11.23 -0.30 17.86
C LYS A 12 10.85 -0.78 16.46
N ILE A 13 11.42 -0.15 15.43
CA ILE A 13 11.14 -0.56 14.07
C ILE A 13 11.58 -2.02 13.89
N ALA A 14 12.78 -2.33 14.39
CA ALA A 14 13.31 -3.69 14.29
C ALA A 14 12.43 -4.70 15.01
N SER A 15 11.99 -4.37 16.22
CA SER A 15 11.15 -5.29 16.96
C SER A 15 9.76 -5.43 16.31
N TRP A 16 9.24 -4.34 15.76
CA TRP A 16 7.95 -4.40 15.09
C TRP A 16 8.03 -5.29 13.86
N ILE A 17 9.16 -5.25 13.17
CA ILE A 17 9.35 -6.11 12.00
C ILE A 17 9.35 -7.57 12.43
N LYS A 18 10.03 -7.86 13.53
CA LYS A 18 10.11 -9.23 14.03
C LYS A 18 8.75 -9.74 14.50
N GLU A 19 7.88 -8.83 14.93
CA GLU A 19 6.55 -9.21 15.38
C GLU A 19 5.73 -9.78 14.22
N ILE A 20 6.14 -9.50 12.99
CA ILE A 20 5.44 -9.99 11.81
C ILE A 20 5.73 -11.48 11.63
N GLU A 21 6.79 -11.95 12.27
CA GLU A 21 7.18 -13.35 12.25
C GLU A 21 7.35 -13.99 10.89
N SER A 22 8.21 -13.40 10.07
CA SER A 22 8.47 -13.90 8.73
C SER A 22 9.96 -13.82 8.42
N GLY A 23 10.57 -14.98 8.20
CA GLY A 23 11.99 -15.00 7.88
C GLY A 23 12.25 -14.27 6.57
N PHE A 24 11.32 -14.42 5.63
CA PHE A 24 11.46 -13.76 4.32
C PHE A 24 11.48 -12.25 4.53
N ILE A 25 10.58 -11.77 5.37
CA ILE A 25 10.51 -10.35 5.64
C ILE A 25 11.77 -9.88 6.37
N ASP A 26 12.28 -10.69 7.28
CA ASP A 26 13.49 -10.31 8.01
C ASP A 26 14.63 -10.13 7.01
N GLU A 27 14.69 -11.03 6.03
CA GLU A 27 15.72 -10.98 5.01
C GLU A 27 15.64 -9.68 4.19
N LEU A 28 14.43 -9.32 3.77
CA LEU A 28 14.23 -8.10 3.01
C LEU A 28 14.59 -6.87 3.85
N PHE A 29 14.19 -6.90 5.12
CA PHE A 29 14.45 -5.79 6.02
C PHE A 29 15.93 -5.53 6.29
N SER A 30 16.73 -6.58 6.39
CA SER A 30 18.15 -6.44 6.65
C SER A 30 18.88 -5.66 5.54
N LYS A 31 18.22 -5.50 4.40
CA LYS A 31 18.80 -4.79 3.28
C LYS A 31 18.48 -3.30 3.29
N ILE A 32 17.62 -2.89 4.22
CA ILE A 32 17.23 -1.50 4.33
C ILE A 32 18.31 -0.73 5.09
N GLY A 33 18.85 0.30 4.46
CA GLY A 33 19.89 1.09 5.10
C GLY A 33 19.34 2.01 6.16
N PRO A 34 20.22 2.70 6.92
CA PRO A 34 19.80 3.62 7.99
C PRO A 34 19.06 4.84 7.45
N SER A 35 18.44 5.58 8.36
CA SER A 35 17.68 6.77 8.00
C SER A 35 18.13 7.96 8.85
N LYS A 36 18.00 9.16 8.30
CA LYS A 36 18.36 10.37 9.03
C LYS A 36 17.29 10.61 10.10
N MET A 37 16.11 10.07 9.84
CA MET A 37 14.96 10.21 10.75
C MET A 37 14.62 11.69 11.02
N LEU A 38 14.64 12.49 9.97
CA LEU A 38 14.33 13.92 10.08
C LEU A 38 12.97 14.17 10.72
N ARG A 39 11.99 13.33 10.37
CA ARG A 39 10.66 13.49 10.91
C ARG A 39 10.58 13.21 12.39
N SER A 40 11.31 12.22 12.89
CA SER A 40 11.33 11.93 14.32
C SER A 40 11.99 13.10 15.05
N LYS A 41 13.04 13.67 14.47
CA LYS A 41 13.70 14.80 15.12
C LYS A 41 12.78 15.98 15.30
N LEU A 42 12.03 16.31 14.26
CA LEU A 42 11.09 17.41 14.34
C LEU A 42 10.05 17.09 15.43
N MET A 43 9.47 15.89 15.37
CA MET A 43 8.46 15.49 16.36
C MET A 43 9.00 15.44 17.79
N LEU A 44 10.15 14.79 17.97
CA LEU A 44 10.77 14.67 19.29
C LEU A 44 11.05 16.03 19.93
N ALA A 45 11.21 17.05 19.09
CA ALA A 45 11.49 18.40 19.55
C ALA A 45 10.34 18.99 20.39
N LEU A 46 9.15 18.41 20.25
CA LEU A 46 7.97 18.88 20.99
C LEU A 46 7.88 18.34 22.43
N LEU A 47 8.65 17.32 22.74
CA LEU A 47 8.62 16.71 24.07
C LEU A 47 9.13 17.67 25.16
N ASN A 48 8.48 17.65 26.31
CA ASN A 48 8.86 18.48 27.45
C ASN A 48 10.02 17.80 28.18
N GLU A 49 10.74 18.58 28.98
CA GLU A 49 11.88 18.07 29.73
C GLU A 49 11.53 16.90 30.63
N LYS A 50 10.37 16.99 31.30
CA LYS A 50 9.96 15.93 32.22
C LYS A 50 8.73 15.13 31.78
N THR A 51 8.70 14.71 30.52
CA THR A 51 7.57 13.93 30.02
C THR A 51 7.62 12.56 30.71
N ASP A 52 6.48 12.13 31.27
CA ASP A 52 6.44 10.85 31.97
C ASP A 52 6.68 9.67 31.03
N ALA A 53 7.18 8.59 31.61
CA ALA A 53 7.51 7.37 30.88
C ALA A 53 6.40 6.75 30.04
N ILE A 54 5.17 6.78 30.55
CA ILE A 54 4.05 6.21 29.81
C ILE A 54 3.80 7.02 28.54
N LEU A 55 3.75 8.34 28.69
CA LEU A 55 3.52 9.22 27.54
C LEU A 55 4.71 9.19 26.59
N LEU A 56 5.92 9.12 27.15
CA LEU A 56 7.13 9.08 26.34
C LEU A 56 7.09 7.86 25.41
N ASP A 57 6.71 6.72 25.94
CA ASP A 57 6.62 5.51 25.13
C ASP A 57 5.62 5.68 24.00
N LYS A 58 4.50 6.34 24.26
CA LYS A 58 3.51 6.57 23.21
C LYS A 58 4.10 7.45 22.12
N ALA A 59 4.86 8.47 22.55
CA ALA A 59 5.48 9.39 21.62
C ALA A 59 6.47 8.66 20.72
N LEU A 60 7.24 7.75 21.31
CA LEU A 60 8.20 6.99 20.55
C LEU A 60 7.49 6.05 19.58
N ASN A 61 6.33 5.52 19.99
CA ASN A 61 5.57 4.66 19.10
C ASN A 61 5.06 5.48 17.93
N LEU A 62 4.70 6.74 18.18
CA LEU A 62 4.21 7.60 17.12
C LEU A 62 5.32 7.89 16.11
N CYS A 63 6.54 8.14 16.60
CA CYS A 63 7.66 8.41 15.71
C CYS A 63 7.97 7.16 14.89
N THR A 64 7.83 6.00 15.51
CA THR A 64 8.09 4.74 14.82
C THR A 64 7.09 4.58 13.68
N ILE A 65 5.83 4.90 13.95
CA ILE A 65 4.80 4.80 12.92
C ILE A 65 5.12 5.71 11.74
N VAL A 66 5.51 6.94 12.05
CA VAL A 66 5.84 7.93 11.02
C VAL A 66 7.06 7.51 10.19
N GLU A 67 8.08 6.98 10.85
CA GLU A 67 9.29 6.57 10.13
C GLU A 67 9.03 5.34 9.24
N MET A 68 8.08 4.48 9.63
CA MET A 68 7.78 3.32 8.81
C MET A 68 6.94 3.71 7.60
N ILE A 69 6.08 4.71 7.78
CA ILE A 69 5.29 5.21 6.67
C ILE A 69 6.26 5.86 5.68
N GLN A 70 7.24 6.57 6.21
CA GLN A 70 8.24 7.24 5.37
C GLN A 70 9.01 6.20 4.56
N THR A 71 9.47 5.14 5.22
CA THR A 71 10.20 4.09 4.53
C THR A 71 9.34 3.41 3.48
N ALA A 72 8.08 3.14 3.83
CA ALA A 72 7.16 2.50 2.90
C ALA A 72 7.02 3.34 1.64
N SER A 73 6.86 4.64 1.80
CA SER A 73 6.69 5.51 0.64
C SER A 73 7.94 5.55 -0.23
N LEU A 74 9.12 5.51 0.40
CA LEU A 74 10.36 5.53 -0.37
C LEU A 74 10.45 4.25 -1.18
N LEU A 75 10.07 3.14 -0.57
CA LEU A 75 10.07 1.85 -1.26
C LEU A 75 9.20 1.87 -2.49
N HIS A 76 7.98 2.36 -2.31
CA HIS A 76 7.05 2.39 -3.45
C HIS A 76 7.46 3.38 -4.48
N ASP A 77 8.18 4.38 -4.02
CA ASP A 77 8.65 5.42 -4.92
C ASP A 77 9.76 5.00 -5.83
N ASP A 78 10.55 4.07 -5.36
CA ASP A 78 11.64 3.54 -6.13
C ASP A 78 11.18 2.62 -7.26
N VAL A 79 9.92 2.20 -7.22
CA VAL A 79 9.36 1.38 -8.27
C VAL A 79 9.27 2.26 -9.52
N ILE A 80 9.13 3.56 -9.27
CA ILE A 80 9.03 4.63 -10.27
C ILE A 80 8.31 4.32 -11.58
N GLY A 97 14.80 -3.96 -4.23
CA GLY A 97 13.72 -3.40 -5.00
C GLY A 97 13.52 -3.98 -6.39
N ASN A 98 12.46 -4.76 -6.55
CA ASN A 98 12.07 -5.36 -7.83
C ASN A 98 10.56 -5.35 -7.77
N PHE A 99 10.04 -6.19 -6.89
CA PHE A 99 8.62 -6.28 -6.60
C PHE A 99 8.79 -6.61 -5.11
N ASN A 100 10.06 -6.74 -4.72
CA ASN A 100 10.43 -7.00 -3.33
C ASN A 100 10.20 -5.66 -2.64
N ALA A 101 10.36 -4.59 -3.42
CA ALA A 101 10.17 -3.23 -2.92
C ALA A 101 8.69 -2.94 -2.72
N VAL A 102 7.87 -3.39 -3.66
CA VAL A 102 6.43 -3.17 -3.55
C VAL A 102 5.92 -3.96 -2.35
N MET A 103 6.43 -5.19 -2.21
CA MET A 103 6.03 -6.07 -1.11
C MET A 103 6.46 -5.56 0.26
N LEU A 104 7.74 -5.21 0.39
CA LEU A 104 8.23 -4.71 1.67
C LEU A 104 7.52 -3.41 2.03
N GLY A 105 7.15 -2.64 1.00
CA GLY A 105 6.46 -1.38 1.23
C GLY A 105 5.09 -1.60 1.84
N ASP A 106 4.40 -2.64 1.39
CA ASP A 106 3.08 -2.96 1.92
C ASP A 106 3.18 -3.44 3.35
N VAL A 107 4.26 -4.17 3.65
CA VAL A 107 4.51 -4.68 5.00
C VAL A 107 4.69 -3.50 5.97
N PHE A 108 5.50 -2.53 5.55
CA PHE A 108 5.75 -1.35 6.38
C PHE A 108 4.47 -0.56 6.59
N TYR A 109 3.74 -0.31 5.51
CA TYR A 109 2.48 0.45 5.61
C TYR A 109 1.46 -0.24 6.51
N SER A 110 1.26 -1.53 6.30
CA SER A 110 0.28 -2.27 7.09
C SER A 110 0.62 -2.40 8.57
N LYS A 111 1.89 -2.66 8.89
CA LYS A 111 2.27 -2.76 10.30
C LYS A 111 2.10 -1.40 10.97
N ALA A 112 2.54 -0.36 10.28
CA ALA A 112 2.43 1.01 10.80
C ALA A 112 0.97 1.35 11.07
N PHE A 113 0.10 1.03 10.11
CA PHE A 113 -1.32 1.31 10.25
C PHE A 113 -1.94 0.47 11.37
N PHE A 114 -1.47 -0.75 11.56
CA PHE A 114 -2.01 -1.58 12.63
C PHE A 114 -1.75 -0.92 13.97
N GLU A 115 -0.51 -0.47 14.17
CA GLU A 115 -0.15 0.18 15.43
C GLU A 115 -0.83 1.54 15.53
N LEU A 116 -1.05 2.19 14.39
CA LEU A 116 -1.72 3.49 14.37
C LEU A 116 -3.18 3.29 14.84
N SER A 117 -3.70 2.09 14.60
CA SER A 117 -5.07 1.73 14.99
C SER A 117 -5.33 1.95 16.47
N LYS A 118 -4.25 1.88 17.23
CA LYS A 118 -4.33 2.02 18.67
C LYS A 118 -4.14 3.44 19.18
N MET A 119 -4.00 4.40 18.27
CA MET A 119 -3.71 5.77 18.70
C MET A 119 -4.80 6.82 18.88
N GLY A 120 -6.05 6.51 18.60
CA GLY A 120 -7.03 7.56 18.75
C GLY A 120 -7.33 8.09 17.37
N GLU A 121 -8.61 8.35 17.15
CA GLU A 121 -9.12 8.81 15.88
C GLU A 121 -8.45 9.99 15.20
N LEU A 122 -8.22 11.08 15.93
CA LEU A 122 -7.61 12.26 15.33
C LEU A 122 -6.23 12.00 14.73
N ILE A 123 -5.38 11.29 15.47
CA ILE A 123 -4.05 11.00 14.97
C ILE A 123 -4.12 9.96 13.85
N ALA A 124 -4.99 8.96 14.00
CA ALA A 124 -5.14 7.94 12.98
C ALA A 124 -5.57 8.57 11.67
N GLN A 125 -6.48 9.54 11.73
CA GLN A 125 -6.97 10.20 10.53
C GLN A 125 -5.94 11.15 9.93
N ALA A 126 -5.17 11.83 10.78
CA ALA A 126 -4.16 12.77 10.30
C ALA A 126 -3.10 12.04 9.47
N LEU A 127 -2.58 10.95 10.01
CA LEU A 127 -1.55 10.19 9.31
C LEU A 127 -2.07 9.40 8.11
N SER A 128 -3.25 8.80 8.22
CA SER A 128 -3.76 8.04 7.08
C SER A 128 -4.09 9.00 5.94
N ASN A 129 -4.59 10.18 6.27
CA ASN A 129 -4.91 11.16 5.24
C ASN A 129 -3.61 11.61 4.60
N ALA A 130 -2.55 11.69 5.40
CA ALA A 130 -1.23 12.11 4.91
C ALA A 130 -0.73 11.10 3.88
N VAL A 131 -0.95 9.82 4.15
CA VAL A 131 -0.50 8.78 3.21
C VAL A 131 -1.33 8.87 1.94
N LEU A 132 -2.61 9.18 2.10
CA LEU A 132 -3.50 9.32 0.95
C LEU A 132 -3.01 10.48 0.08
N ARG A 133 -2.69 11.60 0.72
CA ARG A 133 -2.23 12.76 -0.01
C ARG A 133 -0.89 12.59 -0.69
N LEU A 134 0.05 11.90 -0.03
CA LEU A 134 1.34 11.71 -0.66
C LEU A 134 1.24 10.71 -1.81
N SER A 135 0.28 9.78 -1.73
CA SER A 135 0.11 8.84 -2.83
C SER A 135 -0.52 9.59 -3.99
N ARG A 136 -1.40 10.53 -3.68
CA ARG A 136 -2.02 11.36 -4.71
C ARG A 136 -0.91 12.19 -5.34
N GLY A 137 -0.01 12.65 -4.49
CA GLY A 137 1.13 13.45 -4.97
C GLY A 137 2.01 12.72 -5.96
N GLU A 138 2.28 11.47 -5.65
CA GLU A 138 3.11 10.61 -6.53
C GLU A 138 2.49 10.48 -7.89
N ILE A 139 1.21 10.24 -7.89
CA ILE A 139 0.47 10.10 -9.12
C ILE A 139 0.43 11.37 -9.94
N GLU A 140 0.22 12.48 -9.26
CA GLU A 140 0.20 13.78 -9.94
C GLU A 140 1.57 14.03 -10.58
N ASP A 141 2.63 13.65 -9.86
CA ASP A 141 3.99 13.82 -10.33
C ASP A 141 4.21 13.05 -11.64
N VAL A 142 3.73 11.82 -11.69
CA VAL A 142 3.89 11.01 -12.90
C VAL A 142 3.11 11.60 -14.08
N PHE A 143 1.83 11.89 -13.88
CA PHE A 143 1.00 12.46 -14.95
C PHE A 143 1.48 13.82 -15.43
N VAL A 144 1.83 14.71 -14.50
CA VAL A 144 2.32 16.03 -14.89
C VAL A 144 3.68 15.87 -15.56
N GLY A 145 4.39 14.81 -15.20
CA GLY A 145 5.71 14.54 -15.78
C GLY A 145 5.70 13.89 -17.15
N GLU A 146 4.53 13.75 -17.77
CA GLU A 146 4.43 13.14 -19.10
C GLU A 146 4.92 14.14 -20.16
N CYS A 147 4.95 15.42 -19.80
CA CYS A 147 5.44 16.44 -20.72
C CYS A 147 5.99 17.61 -19.93
N PHE A 148 6.84 18.40 -20.58
CA PHE A 148 7.42 19.57 -19.92
C PHE A 148 6.33 20.39 -19.24
N ASN A 149 6.59 20.86 -18.02
CA ASN A 149 5.60 21.67 -17.28
C ASN A 149 6.10 23.05 -16.92
N SER A 150 5.39 24.08 -17.35
CA SER A 150 5.76 25.46 -17.04
C SER A 150 4.78 26.06 -16.02
N ASP A 151 3.76 25.30 -15.64
CA ASP A 151 2.77 25.79 -14.67
C ASP A 151 3.28 25.57 -13.24
N LYS A 152 3.77 26.62 -12.60
CA LYS A 152 4.29 26.50 -11.24
C LYS A 152 3.28 26.01 -10.20
N GLN A 153 2.00 26.32 -10.43
CA GLN A 153 0.97 25.92 -9.48
C GLN A 153 0.81 24.41 -9.39
N LYS A 154 1.06 23.72 -10.50
CA LYS A 154 0.97 22.27 -10.50
C LYS A 154 2.15 21.74 -9.67
N TYR A 155 3.29 22.44 -9.77
CA TYR A 155 4.50 22.06 -9.03
C TYR A 155 4.28 22.21 -7.52
N TRP A 156 3.67 23.31 -7.12
CA TRP A 156 3.42 23.55 -5.70
C TRP A 156 2.44 22.53 -5.14
N ARG A 157 1.42 22.19 -5.93
CA ARG A 157 0.41 21.21 -5.50
C ARG A 157 1.10 19.87 -5.24
N ILE A 158 2.01 19.51 -6.14
CA ILE A 158 2.76 18.26 -6.02
C ILE A 158 3.68 18.26 -4.79
N LEU A 159 4.38 19.38 -4.58
CA LEU A 159 5.29 19.50 -3.43
C LEU A 159 4.52 19.35 -2.12
N GLU A 160 3.36 19.99 -2.06
CA GLU A 160 2.52 19.94 -0.86
C GLU A 160 2.01 18.52 -0.58
N ASP A 161 1.48 17.86 -1.60
CA ASP A 161 0.97 16.51 -1.43
C ASP A 161 2.05 15.48 -1.16
N LYS A 162 3.13 15.52 -1.92
CA LYS A 162 4.18 14.52 -1.76
C LYS A 162 5.18 14.72 -0.63
N THR A 163 5.34 15.93 -0.13
CA THR A 163 6.32 16.15 0.94
C THR A 163 5.88 16.99 2.12
N ALA A 164 5.35 18.18 1.84
CA ALA A 164 4.95 19.10 2.90
C ALA A 164 3.84 18.62 3.84
N HIS A 165 2.76 18.11 3.28
CA HIS A 165 1.65 17.67 4.12
C HIS A 165 1.93 16.56 5.11
N PHE A 166 2.81 15.65 4.76
CA PHE A 166 3.14 14.55 5.65
C PHE A 166 3.93 15.08 6.86
N ILE A 167 4.83 16.02 6.61
CA ILE A 167 5.59 16.61 7.70
C ILE A 167 4.62 17.41 8.57
N GLU A 168 3.67 18.09 7.94
CA GLU A 168 2.67 18.86 8.67
C GLU A 168 1.84 17.95 9.57
N ALA A 169 1.43 16.81 9.03
CA ALA A 169 0.61 15.85 9.76
C ALA A 169 1.36 15.15 10.88
N SER A 170 2.67 14.95 10.70
CA SER A 170 3.47 14.29 11.73
C SER A 170 3.61 15.20 12.95
N LEU A 171 3.89 16.48 12.71
CA LEU A 171 4.03 17.45 13.80
C LEU A 171 2.68 17.71 14.46
N LYS A 172 1.63 17.78 13.65
CA LYS A 172 0.29 18.00 14.18
C LYS A 172 -0.08 16.83 15.09
N SER A 173 0.21 15.62 14.63
CA SER A 173 -0.08 14.42 15.39
C SER A 173 0.64 14.36 16.74
N MET A 174 1.91 14.76 16.78
CA MET A 174 2.66 14.75 18.02
C MET A 174 2.10 15.84 18.95
N ALA A 175 1.68 16.96 18.36
CA ALA A 175 1.12 18.04 19.14
C ALA A 175 -0.14 17.54 19.85
N ILE A 176 -0.98 16.85 19.09
CA ILE A 176 -2.22 16.29 19.65
C ILE A 176 -1.88 15.34 20.81
N LEU A 177 -0.97 14.41 20.55
CA LEU A 177 -0.57 13.44 21.55
C LEU A 177 -0.06 14.09 22.84
N LEU A 178 0.75 15.12 22.70
CA LEU A 178 1.33 15.82 23.84
C LEU A 178 0.47 16.97 24.34
N ASN A 179 -0.74 17.07 23.78
CA ASN A 179 -1.67 18.12 24.15
C ASN A 179 -1.09 19.53 24.02
N LYS A 180 -0.49 19.81 22.87
CA LYS A 180 0.06 21.13 22.60
C LYS A 180 -0.77 21.76 21.48
N ASP A 181 -0.48 23.02 21.14
CA ASP A 181 -1.23 23.70 20.08
C ASP A 181 -0.95 23.06 18.74
N ALA A 182 -1.84 22.18 18.30
CA ALA A 182 -1.69 21.48 17.03
C ALA A 182 -1.59 22.44 15.86
N LYS A 183 -2.30 23.55 15.95
CA LYS A 183 -2.31 24.54 14.88
C LYS A 183 -0.94 25.15 14.64
N ILE A 184 -0.26 25.50 15.73
CA ILE A 184 1.06 26.10 15.65
C ILE A 184 2.05 25.18 14.96
N TYR A 185 2.08 23.92 15.39
CA TYR A 185 2.99 22.95 14.85
C TYR A 185 2.66 22.43 13.46
N ALA A 186 1.37 22.39 13.11
CA ALA A 186 1.00 21.95 11.77
C ALA A 186 1.52 23.03 10.82
N ASP A 187 1.35 24.29 11.20
CA ASP A 187 1.82 25.42 10.39
C ASP A 187 3.33 25.37 10.22
N PHE A 188 4.04 25.06 11.30
CA PHE A 188 5.49 24.97 11.23
C PHE A 188 5.88 23.85 10.25
N GLY A 189 5.27 22.69 10.43
CA GLY A 189 5.57 21.55 9.58
C GLY A 189 5.30 21.78 8.10
N LEU A 190 4.16 22.39 7.79
CA LEU A 190 3.81 22.65 6.40
C LEU A 190 4.85 23.53 5.72
N ASN A 191 5.16 24.67 6.34
CA ASN A 191 6.13 25.59 5.77
C ASN A 191 7.54 25.02 5.72
N PHE A 192 7.93 24.29 6.76
CA PHE A 192 9.25 23.65 6.80
C PHE A 192 9.34 22.64 5.65
N GLY A 193 8.24 21.93 5.43
CA GLY A 193 8.20 20.93 4.37
C GLY A 193 8.37 21.51 2.99
N MET A 194 7.79 22.70 2.76
CA MET A 194 7.91 23.35 1.46
C MET A 194 9.38 23.74 1.22
N ALA A 195 9.99 24.33 2.24
CA ALA A 195 11.40 24.74 2.17
C ALA A 195 12.29 23.52 1.93
N PHE A 196 12.03 22.46 2.69
CA PHE A 196 12.79 21.21 2.60
C PHE A 196 12.81 20.65 1.18
N GLN A 197 11.64 20.56 0.55
CA GLN A 197 11.57 20.01 -0.79
C GLN A 197 12.18 20.93 -1.83
N ILE A 198 12.08 22.24 -1.62
CA ILE A 198 12.66 23.19 -2.56
C ILE A 198 14.17 23.02 -2.54
N ILE A 199 14.74 22.91 -1.34
CA ILE A 199 16.18 22.73 -1.18
C ILE A 199 16.59 21.40 -1.81
N ASP A 200 15.77 20.38 -1.62
CA ASP A 200 16.07 19.07 -2.17
C ASP A 200 16.14 19.14 -3.69
N ASP A 201 15.23 19.89 -4.31
CA ASP A 201 15.24 20.01 -5.75
C ASP A 201 16.48 20.79 -6.20
N LEU A 202 16.90 21.74 -5.38
CA LEU A 202 18.08 22.55 -5.66
C LEU A 202 19.34 21.67 -5.61
N LEU A 203 19.40 20.79 -4.61
CA LEU A 203 20.54 19.90 -4.45
C LEU A 203 20.66 18.88 -5.58
N ASP A 204 19.61 18.74 -6.39
CA ASP A 204 19.69 17.81 -7.51
C ASP A 204 20.53 18.42 -8.62
N ILE A 205 20.61 19.75 -8.65
CA ILE A 205 21.37 20.42 -9.70
C ILE A 205 22.47 21.37 -9.27
N THR A 206 22.76 21.42 -7.97
CA THR A 206 23.82 22.30 -7.47
C THR A 206 24.69 21.55 -6.49
N GLN A 207 25.87 21.95 -6.37
CA GLN A 207 26.76 21.31 -5.44
C GLN A 207 26.52 21.74 -4.06
N ASP A 208 26.48 20.71 -3.24
CA ASP A 208 26.22 20.78 -1.84
C ASP A 208 27.37 21.29 -1.09
N ALA A 209 27.10 21.95 0.04
CA ALA A 209 28.12 22.71 0.77
C ALA A 209 29.38 22.10 1.42
N LYS A 210 29.39 20.99 2.12
CA LYS A 210 30.66 20.38 2.27
C LYS A 210 30.91 18.96 2.06
N THR A 211 30.90 18.69 0.78
CA THR A 211 31.16 17.41 0.25
C THR A 211 31.73 17.59 -1.18
N LEU A 212 32.41 16.62 -1.57
CA LEU A 212 32.88 16.48 -2.86
C LEU A 212 31.71 15.79 -3.41
N GLY A 213 31.71 15.45 -4.66
CA GLY A 213 30.55 14.72 -5.02
C GLY A 213 29.57 15.66 -5.64
N LYS A 214 29.49 15.52 -6.96
CA LYS A 214 28.65 16.33 -7.84
C LYS A 214 27.16 16.04 -7.72
N PRO A 215 26.31 16.99 -8.17
CA PRO A 215 24.86 16.81 -8.12
C PRO A 215 24.45 15.67 -9.05
N ASN A 216 23.36 14.98 -8.70
CA ASN A 216 22.88 13.84 -9.48
C ASN A 216 22.19 14.17 -10.79
N PHE A 217 21.51 15.30 -10.85
CA PHE A 217 20.79 15.69 -12.07
C PHE A 217 19.85 14.57 -12.51
N SER A 218 19.05 14.08 -11.56
CA SER A 218 18.10 13.01 -11.83
C SER A 218 16.69 13.50 -12.16
N ASP A 219 16.34 14.68 -11.67
CA ASP A 219 15.00 15.22 -11.85
C ASP A 219 14.48 15.49 -13.26
N PHE A 220 15.10 16.42 -13.97
CA PHE A 220 14.64 16.77 -15.31
C PHE A 220 14.69 15.53 -16.20
N LYS A 221 15.71 14.72 -16.01
CA LYS A 221 15.87 13.50 -16.78
C LYS A 221 14.68 12.57 -16.58
N GLU A 222 14.10 12.59 -15.37
CA GLU A 222 12.96 11.75 -15.03
C GLU A 222 11.63 12.38 -15.42
N GLY A 223 11.65 13.60 -15.94
CA GLY A 223 10.41 14.24 -16.33
C GLY A 223 9.88 15.22 -15.31
N LYS A 224 10.66 15.50 -14.27
CA LYS A 224 10.24 16.45 -13.24
C LYS A 224 10.77 17.84 -13.53
N THR A 225 9.87 18.78 -13.79
CA THR A 225 10.25 20.16 -14.05
C THR A 225 10.21 20.88 -12.69
N THR A 226 11.28 20.73 -11.92
CA THR A 226 11.37 21.32 -10.58
C THR A 226 11.53 22.85 -10.61
N LEU A 227 11.47 23.47 -9.43
CA LEU A 227 11.56 24.93 -9.33
C LEU A 227 12.72 25.58 -10.11
N PRO A 228 13.95 25.05 -9.98
CA PRO A 228 15.05 25.68 -10.73
C PRO A 228 14.70 25.76 -12.22
N TYR A 229 14.16 24.68 -12.77
CA TYR A 229 13.78 24.63 -14.18
C TYR A 229 12.63 25.58 -14.51
N LEU A 230 11.66 25.69 -13.59
CA LEU A 230 10.52 26.59 -13.79
C LEU A 230 11.00 28.04 -13.79
N LEU A 231 11.86 28.39 -12.85
CA LEU A 231 12.38 29.75 -12.75
C LEU A 231 13.30 30.06 -13.92
N LEU A 232 14.02 29.04 -14.41
CA LEU A 232 14.92 29.23 -15.56
C LEU A 232 14.10 29.48 -16.81
N TYR A 233 13.11 28.62 -17.02
CA TYR A 233 12.23 28.71 -18.18
C TYR A 233 11.62 30.09 -18.31
N GLU A 234 11.29 30.69 -17.17
CA GLU A 234 10.70 32.03 -17.12
C GLU A 234 11.66 33.13 -17.57
N LYS A 235 12.95 32.84 -17.59
CA LYS A 235 13.96 33.82 -17.97
C LYS A 235 14.63 33.61 -19.33
N LEU A 236 14.58 32.38 -19.84
CA LEU A 236 15.21 32.05 -21.12
C LEU A 236 14.58 32.75 -22.32
N ASN A 237 15.40 33.01 -23.34
CA ASN A 237 14.87 33.62 -24.55
C ASN A 237 14.18 32.49 -25.33
N GLN A 238 13.39 32.86 -26.34
CA GLN A 238 12.67 31.87 -27.13
C GLN A 238 13.51 30.70 -27.63
N HIS A 239 14.72 31.01 -28.09
CA HIS A 239 15.61 29.97 -28.60
C HIS A 239 16.02 28.94 -27.54
N ASP A 240 16.37 29.42 -26.35
CA ASP A 240 16.80 28.54 -25.27
C ASP A 240 15.60 27.81 -24.64
N GLN A 241 14.43 28.43 -24.65
CA GLN A 241 13.25 27.76 -24.09
C GLN A 241 12.97 26.52 -24.93
N GLY A 242 13.15 26.67 -26.25
CA GLY A 242 12.95 25.57 -27.16
C GLY A 242 13.94 24.45 -26.89
N LEU A 243 15.19 24.81 -26.60
CA LEU A 243 16.19 23.79 -26.30
C LEU A 243 15.84 23.07 -25.01
N LEU A 244 15.55 23.84 -23.95
CA LEU A 244 15.20 23.24 -22.67
C LEU A 244 14.08 22.21 -22.82
N ILE A 245 13.00 22.61 -23.50
CA ILE A 245 11.87 21.72 -23.70
C ILE A 245 12.30 20.47 -24.45
N SER A 246 13.20 20.62 -25.41
CA SER A 246 13.67 19.47 -26.18
C SER A 246 14.57 18.57 -25.32
N TYR A 247 15.12 19.12 -24.24
CA TYR A 247 16.00 18.34 -23.35
C TYR A 247 15.21 17.57 -22.29
N PHE A 248 13.90 17.77 -22.27
CA PHE A 248 13.02 17.11 -21.32
C PHE A 248 13.18 15.59 -21.40
N LYS A 249 13.39 14.97 -20.25
CA LYS A 249 13.56 13.52 -20.13
C LYS A 249 14.75 12.92 -20.87
N GLN A 250 15.74 13.75 -21.20
CA GLN A 250 16.92 13.24 -21.89
C GLN A 250 18.11 13.15 -20.96
N ASP A 251 18.98 12.20 -21.22
CA ASP A 251 20.17 12.01 -20.39
C ASP A 251 21.46 12.16 -21.17
N SER A 252 22.13 13.30 -20.97
CA SER A 252 23.40 13.55 -21.63
C SER A 252 24.20 14.59 -20.87
N HIS A 253 25.52 14.47 -20.97
CA HIS A 253 26.42 15.41 -20.30
C HIS A 253 26.23 16.77 -20.93
N GLU A 254 26.04 16.76 -22.25
CA GLU A 254 25.85 18.01 -22.98
C GLU A 254 24.70 18.79 -22.35
N ILE A 255 23.57 18.11 -22.11
CA ILE A 255 22.41 18.76 -21.51
C ILE A 255 22.72 19.27 -20.10
N ILE A 256 23.41 18.45 -19.32
CA ILE A 256 23.77 18.84 -17.95
C ILE A 256 24.59 20.13 -17.93
N GLU A 257 25.69 20.15 -18.67
CA GLU A 257 26.54 21.33 -18.69
C GLU A 257 25.84 22.57 -19.26
N TRP A 258 25.02 22.39 -20.28
CA TRP A 258 24.27 23.51 -20.86
C TRP A 258 23.34 24.09 -19.80
N THR A 259 22.66 23.20 -19.08
CA THR A 259 21.74 23.62 -18.03
C THR A 259 22.45 24.38 -16.91
N LYS A 260 23.61 23.87 -16.49
CA LYS A 260 24.38 24.51 -15.43
C LYS A 260 24.76 25.95 -15.81
N GLU A 261 25.18 26.12 -17.06
CA GLU A 261 25.56 27.45 -17.55
C GLU A 261 24.35 28.39 -17.58
N LYS A 262 23.20 27.86 -18.00
CA LYS A 262 21.99 28.67 -18.07
C LYS A 262 21.51 29.09 -16.68
N PHE A 263 21.67 28.22 -15.68
CA PHE A 263 21.26 28.58 -14.33
C PHE A 263 22.11 29.76 -13.85
N LYS A 264 23.40 29.71 -14.14
CA LYS A 264 24.32 30.77 -13.75
C LYS A 264 24.01 32.06 -14.50
N GLN A 265 23.74 31.94 -15.80
CA GLN A 265 23.43 33.10 -16.63
C GLN A 265 22.26 33.92 -16.07
N TYR A 266 21.29 33.23 -15.46
CA TYR A 266 20.11 33.91 -14.94
C TYR A 266 19.92 33.92 -13.42
N GLY A 267 21.00 33.68 -12.69
CA GLY A 267 20.95 33.68 -11.23
C GLY A 267 19.87 32.81 -10.62
N ILE A 268 19.59 31.67 -11.25
CA ILE A 268 18.56 30.77 -10.79
C ILE A 268 18.82 30.12 -9.43
N ILE A 269 20.07 29.76 -9.14
CA ILE A 269 20.38 29.14 -7.85
C ILE A 269 19.96 30.05 -6.72
N GLU A 270 20.36 31.32 -6.80
CA GLU A 270 20.02 32.27 -5.76
C GLU A 270 18.52 32.57 -5.69
N GLU A 271 17.85 32.55 -6.83
CA GLU A 271 16.42 32.83 -6.86
C GLU A 271 15.67 31.67 -6.21
N THR A 272 16.16 30.46 -6.42
CA THR A 272 15.52 29.27 -5.85
C THR A 272 15.68 29.29 -4.33
N LEU A 273 16.87 29.62 -3.87
CA LEU A 273 17.17 29.67 -2.44
C LEU A 273 16.33 30.69 -1.70
N LYS A 274 16.11 31.85 -2.30
CA LYS A 274 15.31 32.89 -1.67
C LYS A 274 13.87 32.41 -1.50
N THR A 275 13.40 31.63 -2.47
CA THR A 275 12.04 31.10 -2.42
C THR A 275 11.91 30.19 -1.20
N ALA A 276 12.91 29.35 -1.00
CA ALA A 276 12.92 28.43 0.14
C ALA A 276 13.02 29.19 1.45
N GLN A 277 13.77 30.29 1.45
CA GLN A 277 13.92 31.10 2.65
C GLN A 277 12.59 31.71 3.09
N VAL A 278 11.70 31.99 2.14
CA VAL A 278 10.39 32.54 2.47
C VAL A 278 9.61 31.57 3.36
N TYR A 279 9.62 30.29 2.99
CA TYR A 279 8.91 29.26 3.76
C TYR A 279 9.62 29.00 5.08
N SER A 280 10.95 29.06 5.06
CA SER A 280 11.73 28.86 6.26
C SER A 280 11.39 29.95 7.28
N LYS A 281 11.25 31.17 6.80
CA LYS A 281 10.90 32.28 7.68
C LYS A 281 9.48 32.14 8.21
N LYS A 282 8.56 31.71 7.36
CA LYS A 282 7.17 31.51 7.79
C LYS A 282 7.14 30.43 8.87
N ALA A 283 7.97 29.41 8.72
CA ALA A 283 8.02 28.35 9.70
C ALA A 283 8.47 28.88 11.06
N LEU A 284 9.56 29.65 11.05
CA LEU A 284 10.11 30.20 12.28
C LEU A 284 9.14 31.09 12.98
N GLU A 285 8.44 31.81 12.14
CA GLU A 285 7.48 32.76 12.62
C GLU A 285 6.23 32.10 13.27
N ALA A 286 5.94 30.88 12.86
CA ALA A 286 4.80 30.12 13.41
C ALA A 286 5.04 29.71 14.84
N ILE A 287 6.28 29.35 15.16
CA ILE A 287 6.64 28.95 16.53
C ILE A 287 7.37 30.04 17.31
N LYS A 288 7.34 31.26 16.80
CA LYS A 288 8.00 32.35 17.48
C LYS A 288 7.47 32.40 18.92
N GLY A 289 6.16 32.27 19.06
CA GLY A 289 5.59 32.28 20.38
C GLY A 289 6.22 31.22 21.25
N GLU A 290 6.60 30.11 20.63
CA GLU A 290 7.16 28.92 21.29
C GLU A 290 8.49 28.78 22.03
N ASN A 291 9.59 29.33 21.52
CA ASN A 291 10.90 29.18 22.17
C ASN A 291 11.38 27.71 22.09
N ASN A 292 11.29 27.15 20.89
CA ASN A 292 11.71 25.77 20.66
C ASN A 292 13.03 25.82 19.89
N LEU A 293 14.12 25.70 20.65
CA LEU A 293 15.48 25.76 20.10
C LEU A 293 15.82 24.74 19.03
N ILE A 294 15.35 23.51 19.20
CA ILE A 294 15.63 22.46 18.24
C ILE A 294 14.93 22.73 16.91
N LEU A 295 13.66 23.10 16.98
CA LEU A 295 12.90 23.39 15.77
C LEU A 295 13.50 24.58 15.04
N GLU A 296 13.80 25.64 15.78
CA GLU A 296 14.37 26.83 15.17
C GLU A 296 15.68 26.47 14.48
N LYS A 297 16.47 25.64 15.13
CA LYS A 297 17.75 25.20 14.57
C LYS A 297 17.53 24.47 13.25
N LEU A 298 16.55 23.56 13.24
CA LEU A 298 16.24 22.80 12.02
C LEU A 298 15.75 23.60 10.86
N ALA A 299 14.83 24.50 11.15
CA ALA A 299 14.29 25.35 10.09
C ALA A 299 15.44 26.11 9.50
N GLN A 300 16.39 26.46 10.36
CA GLN A 300 17.51 27.22 9.87
C GLN A 300 18.47 26.42 9.05
N ASP A 301 18.79 25.24 9.57
CA ASP A 301 19.71 24.37 8.88
C ASP A 301 19.17 23.87 7.58
N VAL A 302 17.86 23.70 7.52
CA VAL A 302 17.33 23.21 6.27
C VAL A 302 17.85 24.11 5.15
N ILE A 303 17.77 25.40 5.41
CA ILE A 303 18.16 26.41 4.44
C ILE A 303 19.67 26.55 4.18
N SER A 304 20.50 26.07 5.09
CA SER A 304 21.96 26.15 4.92
C SER A 304 22.55 24.85 4.40
N ARG A 305 22.52 24.66 3.08
CA ARG A 305 23.05 23.43 2.50
C ARG A 305 24.04 23.67 1.37
N MET B 1 -25.72 -11.14 -4.01
CA MET B 1 -26.60 -11.19 -2.81
C MET B 1 -27.61 -10.05 -2.83
N GLN B 2 -27.55 -9.01 -2.03
CA GLN B 2 -28.68 -8.14 -2.33
C GLN B 2 -28.32 -6.94 -3.27
N GLU B 3 -28.83 -7.03 -4.52
CA GLU B 3 -28.44 -6.05 -5.57
C GLU B 3 -28.45 -4.65 -5.09
N LYS B 4 -29.54 -4.22 -4.50
CA LYS B 4 -29.57 -2.83 -4.05
C LYS B 4 -28.45 -2.42 -3.08
N GLN B 5 -28.09 -3.30 -2.16
CA GLN B 5 -27.02 -2.98 -1.22
C GLN B 5 -25.65 -3.00 -1.89
N LEU B 6 -25.43 -3.96 -2.78
CA LEU B 6 -24.16 -4.05 -3.49
C LEU B 6 -23.99 -2.83 -4.38
N LYS B 7 -25.11 -2.36 -4.92
CA LYS B 7 -25.14 -1.20 -5.78
C LYS B 7 -24.78 0.04 -4.97
N ALA B 8 -25.27 0.10 -3.73
CA ALA B 8 -24.99 1.23 -2.85
C ALA B 8 -23.51 1.23 -2.46
N ILE B 9 -22.93 0.04 -2.31
CA ILE B 9 -21.51 -0.08 -1.96
C ILE B 9 -20.66 0.36 -3.16
N GLN B 10 -21.10 -0.04 -4.34
CA GLN B 10 -20.41 0.32 -5.58
C GLN B 10 -20.39 1.85 -5.69
N ASN B 11 -21.51 2.48 -5.37
CA ASN B 11 -21.60 3.93 -5.43
C ASN B 11 -20.79 4.63 -4.34
N LYS B 12 -20.67 4.00 -3.18
CA LYS B 12 -19.88 4.58 -2.08
C LYS B 12 -18.40 4.60 -2.48
N ILE B 13 -17.95 3.53 -3.12
CA ILE B 13 -16.56 3.45 -3.58
C ILE B 13 -16.31 4.60 -4.55
N ALA B 14 -17.24 4.82 -5.48
CA ALA B 14 -17.11 5.90 -6.46
C ALA B 14 -17.08 7.26 -5.78
N SER B 15 -17.90 7.42 -4.75
CA SER B 15 -17.95 8.68 -4.02
C SER B 15 -16.64 8.93 -3.28
N TRP B 16 -16.09 7.89 -2.66
CA TRP B 16 -14.85 8.01 -1.93
C TRP B 16 -13.68 8.35 -2.86
N ILE B 17 -13.71 7.82 -4.08
CA ILE B 17 -12.65 8.12 -5.04
C ILE B 17 -12.76 9.59 -5.45
N LYS B 18 -13.99 10.06 -5.65
CA LYS B 18 -14.22 11.45 -6.02
C LYS B 18 -13.79 12.39 -4.89
N GLU B 19 -13.88 11.93 -3.65
CA GLU B 19 -13.49 12.73 -2.50
C GLU B 19 -11.98 13.00 -2.47
N ILE B 20 -11.23 12.19 -3.23
CA ILE B 20 -9.78 12.37 -3.28
C ILE B 20 -9.47 13.59 -4.16
N GLU B 21 -10.46 13.99 -4.96
CA GLU B 21 -10.36 15.15 -5.83
C GLU B 21 -9.09 15.19 -6.68
N SER B 22 -8.99 14.23 -7.58
CA SER B 22 -7.85 14.14 -8.48
C SER B 22 -8.31 13.59 -9.82
N GLY B 23 -8.25 14.42 -10.85
CA GLY B 23 -8.65 14.00 -12.18
C GLY B 23 -7.82 12.82 -12.65
N PHE B 24 -6.56 12.78 -12.25
CA PHE B 24 -5.67 11.69 -12.64
C PHE B 24 -6.14 10.38 -12.03
N ILE B 25 -6.49 10.41 -10.74
CA ILE B 25 -6.96 9.21 -10.07
C ILE B 25 -8.30 8.79 -10.67
N ASP B 26 -9.14 9.76 -11.03
CA ASP B 26 -10.43 9.44 -11.63
C ASP B 26 -10.19 8.62 -12.90
N GLU B 27 -9.15 8.99 -13.64
CA GLU B 27 -8.81 8.31 -14.88
C GLU B 27 -8.39 6.86 -14.60
N LEU B 28 -7.51 6.68 -13.63
CA LEU B 28 -7.05 5.34 -13.27
C LEU B 28 -8.22 4.48 -12.80
N PHE B 29 -9.05 5.03 -11.92
CA PHE B 29 -10.20 4.32 -11.39
C PHE B 29 -11.19 3.86 -12.46
N SER B 30 -11.35 4.65 -13.51
CA SER B 30 -12.28 4.30 -14.59
C SER B 30 -11.90 3.03 -15.34
N LYS B 31 -10.64 2.59 -15.20
CA LYS B 31 -10.19 1.40 -15.90
C LYS B 31 -10.29 0.11 -15.10
N ILE B 32 -10.76 0.23 -13.86
CA ILE B 32 -10.92 -0.95 -13.02
C ILE B 32 -12.34 -1.44 -13.27
N GLY B 33 -12.49 -2.74 -13.50
CA GLY B 33 -13.79 -3.29 -13.79
C GLY B 33 -14.59 -3.71 -12.57
N PRO B 34 -15.83 -4.19 -12.80
CA PRO B 34 -16.75 -4.64 -11.74
C PRO B 34 -16.14 -5.75 -10.90
N SER B 35 -16.68 -5.91 -9.70
CA SER B 35 -16.22 -6.94 -8.80
C SER B 35 -17.41 -7.79 -8.42
N LYS B 36 -17.15 -9.05 -8.11
CA LYS B 36 -18.21 -9.96 -7.71
C LYS B 36 -18.67 -9.50 -6.32
N MET B 37 -17.77 -8.85 -5.61
CA MET B 37 -18.01 -8.37 -4.25
C MET B 37 -18.44 -9.50 -3.34
N LEU B 38 -17.73 -10.62 -3.44
CA LEU B 38 -18.01 -11.79 -2.63
C LEU B 38 -17.99 -11.44 -1.13
N ARG B 39 -17.02 -10.63 -0.74
CA ARG B 39 -16.89 -10.27 0.66
C ARG B 39 -18.06 -9.45 1.17
N SER B 40 -18.61 -8.55 0.36
CA SER B 40 -19.76 -7.76 0.77
C SER B 40 -20.99 -8.66 0.92
N LYS B 41 -21.14 -9.63 0.02
CA LYS B 41 -22.27 -10.55 0.07
C LYS B 41 -22.26 -11.34 1.37
N LEU B 42 -21.08 -11.80 1.75
CA LEU B 42 -20.92 -12.55 2.98
C LEU B 42 -21.25 -11.69 4.20
N MET B 43 -20.72 -10.47 4.22
CA MET B 43 -20.94 -9.54 5.32
C MET B 43 -22.37 -9.04 5.38
N LEU B 44 -22.95 -8.68 4.24
CA LEU B 44 -24.32 -8.18 4.21
C LEU B 44 -25.31 -9.20 4.75
N ALA B 45 -24.94 -10.47 4.68
CA ALA B 45 -25.79 -11.57 5.14
C ALA B 45 -26.04 -11.56 6.64
N LEU B 46 -25.26 -10.77 7.38
CA LEU B 46 -25.43 -10.68 8.83
C LEU B 46 -26.46 -9.65 9.24
N LEU B 47 -26.84 -8.78 8.31
CA LEU B 47 -27.82 -7.74 8.58
C LEU B 47 -29.19 -8.31 8.92
N ASN B 48 -29.91 -7.63 9.80
CA ASN B 48 -31.26 -8.05 10.20
C ASN B 48 -32.29 -7.24 9.42
N GLU B 49 -33.51 -7.76 9.37
CA GLU B 49 -34.59 -7.06 8.67
C GLU B 49 -34.75 -5.67 9.26
N LYS B 50 -34.69 -5.61 10.59
CA LYS B 50 -34.88 -4.36 11.32
C LYS B 50 -33.64 -3.53 11.68
N THR B 51 -32.54 -3.72 10.97
CA THR B 51 -31.35 -2.95 11.28
C THR B 51 -31.65 -1.47 11.04
N ASP B 52 -31.41 -0.62 12.03
CA ASP B 52 -31.72 0.79 11.86
C ASP B 52 -30.86 1.43 10.75
N ALA B 53 -31.42 2.45 10.11
CA ALA B 53 -30.76 3.14 9.01
C ALA B 53 -29.35 3.65 9.31
N ILE B 54 -29.13 4.16 10.52
CA ILE B 54 -27.82 4.67 10.87
C ILE B 54 -26.80 3.53 10.88
N LEU B 55 -27.15 2.42 11.51
CA LEU B 55 -26.27 1.26 11.58
C LEU B 55 -26.04 0.65 10.20
N LEU B 56 -27.10 0.62 9.38
CA LEU B 56 -27.01 0.06 8.04
C LEU B 56 -25.97 0.82 7.20
N ASP B 57 -25.96 2.14 7.31
CA ASP B 57 -25.00 2.95 6.57
C ASP B 57 -23.59 2.62 7.03
N LYS B 58 -23.40 2.46 8.35
CA LYS B 58 -22.09 2.10 8.89
C LYS B 58 -21.66 0.76 8.32
N ALA B 59 -22.62 -0.15 8.20
CA ALA B 59 -22.33 -1.49 7.67
C ALA B 59 -21.93 -1.40 6.20
N LEU B 60 -22.61 -0.56 5.44
CA LEU B 60 -22.27 -0.39 4.03
C LEU B 60 -20.88 0.23 3.94
N ASN B 61 -20.55 1.12 4.88
CA ASN B 61 -19.24 1.75 4.90
C ASN B 61 -18.18 0.69 5.15
N LEU B 62 -18.47 -0.24 6.05
CA LEU B 62 -17.53 -1.31 6.37
C LEU B 62 -17.28 -2.18 5.15
N CYS B 63 -18.35 -2.49 4.41
CA CYS B 63 -18.24 -3.31 3.21
C CYS B 63 -17.41 -2.57 2.16
N THR B 64 -17.58 -1.25 2.11
CA THR B 64 -16.84 -0.44 1.16
C THR B 64 -15.35 -0.51 1.48
N ILE B 65 -15.01 -0.40 2.75
CA ILE B 65 -13.63 -0.48 3.21
C ILE B 65 -13.04 -1.83 2.82
N VAL B 66 -13.79 -2.90 3.07
CA VAL B 66 -13.31 -4.24 2.72
C VAL B 66 -13.10 -4.43 1.21
N GLU B 67 -14.02 -3.94 0.40
CA GLU B 67 -13.87 -4.09 -1.05
C GLU B 67 -12.69 -3.26 -1.59
N MET B 68 -12.45 -2.10 -0.98
CA MET B 68 -11.35 -1.25 -1.44
C MET B 68 -10.01 -1.88 -1.09
N ILE B 69 -9.96 -2.55 0.07
CA ILE B 69 -8.76 -3.24 0.49
C ILE B 69 -8.50 -4.39 -0.50
N GLN B 70 -9.56 -5.13 -0.80
CA GLN B 70 -9.45 -6.25 -1.74
C GLN B 70 -8.94 -5.73 -3.09
N THR B 71 -9.50 -4.62 -3.56
CA THR B 71 -9.08 -4.05 -4.84
C THR B 71 -7.62 -3.61 -4.79
N ALA B 72 -7.19 -3.04 -3.66
CA ALA B 72 -5.81 -2.59 -3.53
C ALA B 72 -4.85 -3.78 -3.62
N SER B 73 -5.19 -4.86 -2.94
CA SER B 73 -4.33 -6.05 -2.96
C SER B 73 -4.23 -6.62 -4.37
N LEU B 74 -5.34 -6.62 -5.10
CA LEU B 74 -5.34 -7.14 -6.47
C LEU B 74 -4.48 -6.27 -7.37
N LEU B 75 -4.52 -4.95 -7.14
CA LEU B 75 -3.72 -4.02 -7.93
C LEU B 75 -2.24 -4.29 -7.73
N HIS B 76 -1.83 -4.50 -6.49
CA HIS B 76 -0.42 -4.78 -6.21
C HIS B 76 -0.03 -6.17 -6.67
N ASP B 77 -0.95 -7.12 -6.54
CA ASP B 77 -0.67 -8.49 -6.98
C ASP B 77 -0.44 -8.55 -8.48
N ASP B 78 -1.18 -7.74 -9.24
CA ASP B 78 -1.02 -7.73 -10.69
C ASP B 78 0.34 -7.19 -11.09
N VAL B 79 0.86 -6.26 -10.30
CA VAL B 79 2.18 -5.68 -10.57
C VAL B 79 3.25 -6.73 -10.32
N ILE B 80 3.19 -7.34 -9.14
CA ILE B 80 4.16 -8.35 -8.75
C ILE B 80 4.13 -9.60 -9.63
N ASP B 81 2.95 -9.93 -10.16
CA ASP B 81 2.82 -11.09 -11.04
C ASP B 81 2.96 -10.70 -12.51
N LYS B 82 3.24 -9.42 -12.75
CA LYS B 82 3.40 -8.91 -14.11
C LYS B 82 2.20 -9.28 -14.98
N ALA B 83 1.03 -9.34 -14.36
CA ALA B 83 -0.20 -9.70 -15.06
C ALA B 83 -0.60 -8.56 -16.00
N THR B 84 -0.93 -8.92 -17.23
CA THR B 84 -1.32 -7.93 -18.24
C THR B 84 -2.84 -7.89 -18.30
N MET B 85 -3.46 -8.85 -17.64
CA MET B 85 -4.91 -8.96 -17.69
C MET B 85 -5.53 -9.35 -16.35
N ARG B 86 -6.76 -8.87 -16.13
CA ARG B 86 -7.52 -9.20 -14.94
C ARG B 86 -8.97 -9.31 -15.38
N ARG B 87 -9.42 -10.53 -15.66
CA ARG B 87 -10.80 -10.73 -16.09
C ARG B 87 -10.98 -10.29 -17.55
N LYS B 88 -10.04 -10.70 -18.40
CA LYS B 88 -10.03 -10.40 -19.82
C LYS B 88 -9.74 -8.95 -20.23
N LEU B 89 -9.76 -8.03 -19.27
CA LEU B 89 -9.44 -6.65 -19.61
C LEU B 89 -8.05 -6.29 -19.11
N PRO B 90 -7.38 -5.34 -19.77
CA PRO B 90 -6.03 -4.89 -19.42
C PRO B 90 -5.93 -4.50 -17.96
N SER B 91 -4.84 -4.93 -17.32
CA SER B 91 -4.62 -4.60 -15.92
C SER B 91 -4.24 -3.12 -15.81
N ILE B 92 -4.33 -2.58 -14.60
CA ILE B 92 -3.98 -1.17 -14.40
C ILE B 92 -2.51 -0.93 -14.71
N ASN B 93 -1.66 -1.89 -14.37
CA ASN B 93 -0.22 -1.74 -14.64
C ASN B 93 0.07 -1.84 -16.14
N ALA B 94 -0.79 -2.54 -16.87
CA ALA B 94 -0.61 -2.69 -18.31
C ALA B 94 -1.00 -1.40 -19.04
N LEU B 95 -1.98 -0.69 -18.48
CA LEU B 95 -2.47 0.55 -19.07
C LEU B 95 -1.78 1.82 -18.57
N PHE B 96 -1.31 1.79 -17.33
CA PHE B 96 -0.68 2.98 -16.75
C PHE B 96 0.71 2.78 -16.13
N GLY B 97 1.29 1.59 -16.29
CA GLY B 97 2.60 1.34 -15.73
C GLY B 97 2.57 0.84 -14.29
N ASN B 98 3.59 0.08 -13.90
CA ASN B 98 3.67 -0.47 -12.56
C ASN B 98 3.55 0.58 -11.48
N PHE B 99 4.27 1.68 -11.64
CA PHE B 99 4.26 2.76 -10.67
C PHE B 99 2.86 3.24 -10.33
N ASN B 100 2.04 3.50 -11.36
CA ASN B 100 0.68 3.97 -11.13
C ASN B 100 -0.19 2.92 -10.47
N ALA B 101 -0.04 1.66 -10.90
CA ALA B 101 -0.82 0.57 -10.32
C ALA B 101 -0.48 0.44 -8.84
N VAL B 102 0.80 0.63 -8.51
CA VAL B 102 1.24 0.54 -7.12
C VAL B 102 0.70 1.70 -6.31
N MET B 103 0.86 2.92 -6.82
CA MET B 103 0.35 4.09 -6.10
C MET B 103 -1.16 4.05 -5.97
N LEU B 104 -1.85 3.62 -7.03
CA LEU B 104 -3.30 3.53 -6.99
C LEU B 104 -3.73 2.56 -5.88
N GLY B 105 -2.94 1.52 -5.69
CA GLY B 105 -3.25 0.55 -4.64
C GLY B 105 -3.03 1.19 -3.28
N ASP B 106 -2.00 2.04 -3.19
CA ASP B 106 -1.70 2.73 -1.93
C ASP B 106 -2.83 3.70 -1.61
N VAL B 107 -3.37 4.31 -2.66
CA VAL B 107 -4.48 5.24 -2.54
C VAL B 107 -5.72 4.49 -2.01
N PHE B 108 -5.99 3.32 -2.58
CA PHE B 108 -7.12 2.53 -2.12
C PHE B 108 -6.93 2.15 -0.66
N TYR B 109 -5.73 1.67 -0.32
CA TYR B 109 -5.42 1.27 1.05
C TYR B 109 -5.54 2.43 2.06
N SER B 110 -4.95 3.58 1.73
CA SER B 110 -5.00 4.72 2.65
C SER B 110 -6.38 5.33 2.80
N LYS B 111 -7.12 5.47 1.70
CA LYS B 111 -8.47 6.03 1.77
C LYS B 111 -9.32 5.07 2.60
N ALA B 112 -9.13 3.77 2.40
CA ALA B 112 -9.88 2.78 3.15
C ALA B 112 -9.56 2.84 4.65
N PHE B 113 -8.28 2.98 4.99
CA PHE B 113 -7.90 3.06 6.40
C PHE B 113 -8.38 4.35 7.04
N PHE B 114 -8.41 5.41 6.26
CA PHE B 114 -8.87 6.70 6.76
C PHE B 114 -10.30 6.55 7.25
N GLU B 115 -11.13 5.92 6.42
CA GLU B 115 -12.52 5.70 6.78
C GLU B 115 -12.64 4.68 7.90
N LEU B 116 -11.74 3.70 7.89
CA LEU B 116 -11.71 2.63 8.89
C LEU B 116 -11.58 3.16 10.33
N SER B 117 -10.81 4.23 10.50
CA SER B 117 -10.58 4.81 11.82
C SER B 117 -11.87 5.27 12.50
N LYS B 118 -12.96 5.35 11.75
CA LYS B 118 -14.23 5.78 12.30
C LYS B 118 -15.05 4.60 12.77
N MET B 119 -14.52 3.40 12.57
CA MET B 119 -15.19 2.16 12.95
C MET B 119 -14.91 1.73 14.38
N GLY B 120 -13.91 2.33 15.01
CA GLY B 120 -13.57 1.93 16.36
C GLY B 120 -12.34 1.04 16.33
N GLU B 121 -11.62 1.00 17.45
CA GLU B 121 -10.39 0.23 17.55
C GLU B 121 -10.48 -1.27 17.28
N LEU B 122 -11.52 -1.93 17.78
CA LEU B 122 -11.67 -3.36 17.58
C LEU B 122 -11.72 -3.74 16.11
N ILE B 123 -12.57 -3.05 15.37
CA ILE B 123 -12.71 -3.32 13.95
C ILE B 123 -11.48 -2.83 13.20
N ALA B 124 -10.99 -1.64 13.54
CA ALA B 124 -9.81 -1.09 12.88
C ALA B 124 -8.61 -2.02 13.01
N GLN B 125 -8.44 -2.63 14.18
CA GLN B 125 -7.33 -3.53 14.39
C GLN B 125 -7.51 -4.86 13.68
N ALA B 126 -8.73 -5.38 13.65
CA ALA B 126 -8.99 -6.65 12.98
C ALA B 126 -8.67 -6.54 11.50
N LEU B 127 -9.16 -5.49 10.86
CA LEU B 127 -8.92 -5.34 9.44
C LEU B 127 -7.49 -4.90 9.11
N SER B 128 -6.92 -3.98 9.88
CA SER B 128 -5.55 -3.55 9.57
C SER B 128 -4.59 -4.72 9.77
N ASN B 129 -4.89 -5.59 10.73
CA ASN B 129 -4.05 -6.75 10.97
C ASN B 129 -4.19 -7.73 9.81
N ALA B 130 -5.38 -7.79 9.22
CA ALA B 130 -5.63 -8.67 8.10
C ALA B 130 -4.84 -8.19 6.88
N VAL B 131 -4.72 -6.87 6.74
CA VAL B 131 -3.95 -6.33 5.62
C VAL B 131 -2.46 -6.65 5.84
N LEU B 132 -2.02 -6.68 7.09
CA LEU B 132 -0.63 -7.00 7.39
C LEU B 132 -0.36 -8.45 7.01
N ARG B 133 -1.33 -9.33 7.27
CA ARG B 133 -1.15 -10.73 6.92
C ARG B 133 -1.24 -10.94 5.42
N LEU B 134 -2.06 -10.14 4.75
CA LEU B 134 -2.17 -10.24 3.28
C LEU B 134 -0.81 -9.91 2.67
N SER B 135 -0.12 -8.91 3.25
CA SER B 135 1.18 -8.53 2.72
C SER B 135 2.22 -9.60 3.05
N ARG B 136 2.12 -10.22 4.21
CA ARG B 136 3.07 -11.27 4.57
C ARG B 136 2.83 -12.48 3.68
N GLY B 137 1.56 -12.75 3.39
CA GLY B 137 1.21 -13.88 2.53
C GLY B 137 1.68 -13.66 1.11
N GLU B 138 1.61 -12.42 0.64
CA GLU B 138 2.05 -12.12 -0.72
C GLU B 138 3.55 -12.37 -0.83
N ILE B 139 4.31 -11.92 0.16
CA ILE B 139 5.75 -12.13 0.15
C ILE B 139 6.07 -13.61 0.26
N GLU B 140 5.35 -14.31 1.12
CA GLU B 140 5.54 -15.74 1.28
C GLU B 140 5.29 -16.45 -0.05
N ASP B 141 4.22 -16.06 -0.72
CA ASP B 141 3.85 -16.67 -1.99
C ASP B 141 4.92 -16.54 -3.07
N VAL B 142 5.51 -15.38 -3.25
CA VAL B 142 6.52 -15.31 -4.30
C VAL B 142 7.86 -15.89 -3.86
N PHE B 143 8.19 -15.86 -2.57
CA PHE B 143 9.46 -16.47 -2.15
C PHE B 143 9.34 -17.99 -2.27
N VAL B 144 8.23 -18.54 -1.80
CA VAL B 144 8.04 -19.99 -1.91
C VAL B 144 7.91 -20.35 -3.40
N GLY B 145 7.42 -19.40 -4.18
CA GLY B 145 7.23 -19.62 -5.61
C GLY B 145 8.49 -19.57 -6.45
N GLU B 146 9.65 -19.39 -5.83
CA GLU B 146 10.91 -19.35 -6.56
C GLU B 146 11.34 -20.73 -7.05
N CYS B 147 10.81 -21.78 -6.42
CA CYS B 147 11.15 -23.14 -6.84
C CYS B 147 10.02 -24.08 -6.46
N PHE B 148 9.98 -25.25 -7.09
CA PHE B 148 8.94 -26.22 -6.80
C PHE B 148 8.89 -26.45 -5.29
N ASN B 149 7.68 -26.46 -4.73
CA ASN B 149 7.51 -26.68 -3.30
C ASN B 149 6.69 -27.93 -2.98
N SER B 150 7.21 -28.78 -2.12
CA SER B 150 6.50 -30.00 -1.75
C SER B 150 6.04 -29.95 -0.29
N ASP B 151 6.34 -28.86 0.40
CA ASP B 151 5.95 -28.70 1.81
C ASP B 151 4.54 -28.13 1.86
N LYS B 152 3.56 -28.98 2.16
CA LYS B 152 2.18 -28.54 2.23
C LYS B 152 1.92 -27.50 3.31
N GLN B 153 2.71 -27.52 4.38
CA GLN B 153 2.49 -26.56 5.45
C GLN B 153 2.74 -25.12 5.00
N LYS B 154 3.67 -24.93 4.07
CA LYS B 154 3.96 -23.60 3.56
C LYS B 154 2.78 -23.11 2.74
N TYR B 155 2.19 -24.04 1.98
CA TYR B 155 1.04 -23.75 1.14
C TYR B 155 -0.13 -23.29 2.01
N TRP B 156 -0.41 -24.06 3.06
CA TRP B 156 -1.51 -23.73 3.98
C TRP B 156 -1.31 -22.37 4.64
N ARG B 157 -0.07 -22.04 4.98
CA ARG B 157 0.22 -20.75 5.59
C ARG B 157 -0.09 -19.62 4.61
N ILE B 158 0.28 -19.83 3.35
CA ILE B 158 0.02 -18.83 2.31
C ILE B 158 -1.48 -18.64 2.09
N LEU B 159 -2.21 -19.75 1.99
CA LEU B 159 -3.66 -19.67 1.78
C LEU B 159 -4.33 -18.91 2.91
N GLU B 160 -3.92 -19.20 4.13
CA GLU B 160 -4.48 -18.54 5.31
C GLU B 160 -4.15 -17.05 5.33
N ASP B 161 -2.89 -16.71 5.05
CA ASP B 161 -2.48 -15.31 5.03
C ASP B 161 -3.03 -14.49 3.88
N LYS B 162 -2.97 -15.05 2.66
CA LYS B 162 -3.45 -14.32 1.49
C LYS B 162 -4.95 -14.31 1.25
N THR B 163 -5.66 -15.32 1.75
CA THR B 163 -7.10 -15.38 1.51
C THR B 163 -8.02 -15.60 2.70
N ALA B 164 -7.79 -16.66 3.45
CA ALA B 164 -8.67 -17.02 4.56
C ALA B 164 -8.86 -15.99 5.67
N HIS B 165 -7.76 -15.54 6.26
CA HIS B 165 -7.82 -14.57 7.36
C HIS B 165 -8.52 -13.25 7.06
N PHE B 166 -8.43 -12.78 5.82
CA PHE B 166 -9.08 -11.53 5.45
C PHE B 166 -10.59 -11.71 5.48
N ILE B 167 -11.08 -12.83 4.94
CA ILE B 167 -12.53 -13.07 4.95
C ILE B 167 -12.95 -13.26 6.41
N GLU B 168 -12.13 -13.98 7.17
CA GLU B 168 -12.41 -14.19 8.59
C GLU B 168 -12.53 -12.83 9.28
N ALA B 169 -11.56 -11.95 9.02
CA ALA B 169 -11.53 -10.62 9.63
C ALA B 169 -12.70 -9.75 9.18
N SER B 170 -13.11 -9.91 7.93
CA SER B 170 -14.21 -9.11 7.41
C SER B 170 -15.53 -9.49 8.07
N LEU B 171 -15.75 -10.78 8.27
CA LEU B 171 -16.98 -11.25 8.91
C LEU B 171 -16.99 -10.96 10.40
N LYS B 172 -15.83 -11.08 11.03
CA LYS B 172 -15.70 -10.81 12.46
C LYS B 172 -16.00 -9.34 12.70
N SER B 173 -15.51 -8.49 11.80
CA SER B 173 -15.73 -7.05 11.90
C SER B 173 -17.20 -6.67 11.76
N MET B 174 -17.92 -7.34 10.86
CA MET B 174 -19.33 -7.02 10.68
C MET B 174 -20.12 -7.49 11.90
N ALA B 175 -19.74 -8.64 12.43
CA ALA B 175 -20.40 -9.19 13.60
C ALA B 175 -20.23 -8.21 14.77
N ILE B 176 -19.02 -7.67 14.91
CA ILE B 176 -18.72 -6.71 15.98
C ILE B 176 -19.62 -5.49 15.81
N LEU B 177 -19.63 -4.94 14.58
CA LEU B 177 -20.43 -3.77 14.27
C LEU B 177 -21.92 -3.98 14.57
N LEU B 178 -22.42 -5.16 14.22
CA LEU B 178 -23.83 -5.50 14.43
C LEU B 178 -24.10 -6.16 15.77
N ASN B 179 -23.12 -6.13 16.64
CA ASN B 179 -23.24 -6.74 17.97
C ASN B 179 -23.69 -8.20 17.95
N LYS B 180 -23.13 -8.99 17.09
CA LYS B 180 -23.31 -10.40 16.99
C LYS B 180 -22.12 -11.20 17.47
N ASP B 181 -22.18 -12.48 17.56
CA ASP B 181 -21.10 -13.26 18.15
C ASP B 181 -20.00 -13.39 17.17
N ALA B 182 -18.99 -12.66 17.46
CA ALA B 182 -17.89 -12.45 16.63
C ALA B 182 -17.15 -13.75 16.41
N LYS B 183 -17.09 -14.56 17.41
CA LYS B 183 -16.39 -15.87 17.33
C LYS B 183 -17.01 -16.81 16.33
N ILE B 184 -18.34 -16.87 16.34
CA ILE B 184 -19.07 -17.74 15.43
C ILE B 184 -18.83 -17.35 13.98
N TYR B 185 -18.93 -16.06 13.68
CA TYR B 185 -18.74 -15.60 12.33
C TYR B 185 -17.29 -15.54 11.86
N ALA B 186 -16.35 -15.37 12.79
CA ALA B 186 -14.95 -15.36 12.43
C ALA B 186 -14.62 -16.79 12.02
N ASP B 187 -15.18 -17.74 12.77
CA ASP B 187 -14.97 -19.16 12.52
C ASP B 187 -15.56 -19.54 11.16
N PHE B 188 -16.76 -19.04 10.87
CA PHE B 188 -17.39 -19.30 9.58
C PHE B 188 -16.56 -18.69 8.46
N GLY B 189 -16.08 -17.48 8.69
CA GLY B 189 -15.27 -16.80 7.70
C GLY B 189 -13.96 -17.49 7.36
N LEU B 190 -13.25 -17.96 8.40
CA LEU B 190 -11.97 -18.62 8.19
C LEU B 190 -12.11 -19.91 7.39
N ASN B 191 -13.06 -20.75 7.77
CA ASN B 191 -13.27 -22.01 7.06
C ASN B 191 -13.81 -21.78 5.65
N PHE B 192 -14.71 -20.83 5.48
CA PHE B 192 -15.26 -20.54 4.16
C PHE B 192 -14.12 -20.07 3.26
N GLY B 193 -13.23 -19.26 3.83
CA GLY B 193 -12.10 -18.74 3.08
C GLY B 193 -11.13 -19.83 2.65
N MET B 194 -10.92 -20.82 3.52
CA MET B 194 -10.04 -21.94 3.19
C MET B 194 -10.65 -22.74 2.04
N ALA B 195 -11.94 -23.07 2.16
CA ALA B 195 -12.61 -23.83 1.11
C ALA B 195 -12.62 -23.04 -0.19
N PHE B 196 -12.90 -21.75 -0.08
CA PHE B 196 -12.95 -20.87 -1.24
C PHE B 196 -11.66 -20.87 -2.06
N GLN B 197 -10.52 -20.75 -1.40
CA GLN B 197 -9.25 -20.72 -2.12
C GLN B 197 -8.85 -22.09 -2.66
N ILE B 198 -9.24 -23.16 -1.98
CA ILE B 198 -8.90 -24.50 -2.45
C ILE B 198 -9.68 -24.75 -3.76
N ILE B 199 -10.95 -24.37 -3.77
CA ILE B 199 -11.79 -24.53 -4.96
C ILE B 199 -11.27 -23.63 -6.08
N ASP B 200 -10.75 -22.47 -5.71
CA ASP B 200 -10.22 -21.56 -6.71
C ASP B 200 -8.98 -22.19 -7.35
N ASP B 201 -8.13 -22.79 -6.53
CA ASP B 201 -6.93 -23.44 -7.05
C ASP B 201 -7.35 -24.64 -7.90
N LEU B 202 -8.45 -25.28 -7.50
CA LEU B 202 -8.94 -26.44 -8.22
C LEU B 202 -9.44 -26.01 -9.61
N LEU B 203 -10.20 -24.92 -9.66
CA LEU B 203 -10.74 -24.41 -10.91
C LEU B 203 -9.68 -23.93 -11.90
N ASP B 204 -8.43 -23.83 -11.44
CA ASP B 204 -7.36 -23.41 -12.33
C ASP B 204 -6.94 -24.57 -13.20
N ILE B 205 -7.15 -25.78 -12.69
CA ILE B 205 -6.71 -26.97 -13.43
C ILE B 205 -7.79 -27.96 -13.82
N THR B 206 -9.04 -27.63 -13.60
CA THR B 206 -10.09 -28.55 -13.97
C THR B 206 -11.35 -27.81 -14.37
N GLN B 207 -12.04 -28.41 -15.33
CA GLN B 207 -13.25 -27.81 -15.86
C GLN B 207 -14.40 -27.56 -14.93
N ASP B 208 -15.00 -26.42 -15.21
CA ASP B 208 -16.17 -25.94 -14.51
C ASP B 208 -17.28 -26.38 -15.44
N ALA B 209 -17.93 -27.50 -15.15
CA ALA B 209 -19.00 -27.95 -16.06
C ALA B 209 -19.96 -26.87 -16.57
N LYS B 210 -20.18 -25.85 -15.74
CA LYS B 210 -21.11 -24.74 -16.03
C LYS B 210 -20.76 -23.74 -17.09
N THR B 211 -19.50 -23.76 -17.48
CA THR B 211 -19.02 -22.83 -18.48
C THR B 211 -18.34 -23.70 -19.52
N LEU B 212 -18.17 -23.18 -20.73
CA LEU B 212 -17.51 -23.94 -21.76
C LEU B 212 -16.05 -23.53 -21.78
N GLY B 213 -15.75 -22.45 -21.07
CA GLY B 213 -14.38 -21.96 -21.02
C GLY B 213 -13.49 -23.04 -20.44
N LYS B 214 -12.26 -23.11 -20.93
CA LYS B 214 -11.30 -24.10 -20.45
C LYS B 214 -10.52 -23.54 -19.27
N PRO B 215 -10.09 -24.42 -18.34
CA PRO B 215 -9.33 -23.96 -17.17
C PRO B 215 -8.10 -23.17 -17.62
N ASN B 216 -7.79 -22.09 -16.91
CA ASN B 216 -6.66 -21.24 -17.26
C ASN B 216 -5.28 -21.90 -17.14
N PHE B 217 -5.13 -22.82 -16.19
CA PHE B 217 -3.82 -23.45 -15.96
C PHE B 217 -2.77 -22.35 -15.86
N SER B 218 -3.04 -21.40 -14.97
CA SER B 218 -2.14 -20.27 -14.74
C SER B 218 -1.19 -20.44 -13.56
N ASP B 219 -1.60 -21.22 -12.57
CA ASP B 219 -0.81 -21.39 -11.36
C ASP B 219 0.58 -22.00 -11.43
N PHE B 220 0.69 -23.26 -11.85
CA PHE B 220 2.01 -23.91 -11.90
C PHE B 220 2.96 -23.17 -12.83
N LYS B 221 2.41 -22.68 -13.94
CA LYS B 221 3.17 -21.92 -14.94
C LYS B 221 3.78 -20.68 -14.30
N GLU B 222 3.13 -20.17 -13.26
CA GLU B 222 3.61 -18.98 -12.57
C GLU B 222 4.42 -19.30 -11.31
N GLY B 223 4.69 -20.58 -11.07
CA GLY B 223 5.48 -20.95 -9.91
C GLY B 223 4.73 -21.29 -8.63
N LYS B 224 3.40 -21.33 -8.69
CA LYS B 224 2.61 -21.66 -7.51
C LYS B 224 2.30 -23.15 -7.47
N THR B 225 2.83 -23.86 -6.47
CA THR B 225 2.56 -25.28 -6.34
C THR B 225 1.34 -25.43 -5.44
N THR B 226 0.15 -25.39 -6.07
CA THR B 226 -1.11 -25.48 -5.36
C THR B 226 -1.44 -26.89 -4.88
N LEU B 227 -2.50 -27.01 -4.08
CA LEU B 227 -2.88 -28.32 -3.51
C LEU B 227 -2.90 -29.47 -4.51
N PRO B 228 -3.55 -29.30 -5.68
CA PRO B 228 -3.57 -30.40 -6.65
C PRO B 228 -2.16 -30.93 -6.94
N TYR B 229 -1.21 -30.03 -7.14
CA TYR B 229 0.17 -30.40 -7.44
C TYR B 229 0.86 -31.04 -6.25
N LEU B 230 0.54 -30.56 -5.06
CA LEU B 230 1.11 -31.11 -3.83
C LEU B 230 0.62 -32.55 -3.63
N LEU B 231 -0.68 -32.75 -3.75
CA LEU B 231 -1.27 -34.07 -3.57
C LEU B 231 -0.77 -35.03 -4.66
N LEU B 232 -0.65 -34.53 -5.89
CA LEU B 232 -0.17 -35.35 -7.00
C LEU B 232 1.27 -35.78 -6.74
N TYR B 233 2.12 -34.82 -6.38
CA TYR B 233 3.53 -35.08 -6.11
C TYR B 233 3.74 -36.21 -5.10
N GLU B 234 2.90 -36.26 -4.08
CA GLU B 234 2.98 -37.28 -3.04
C GLU B 234 2.64 -38.70 -3.54
N LYS B 235 2.01 -38.80 -4.71
CA LYS B 235 1.63 -40.10 -5.27
C LYS B 235 2.47 -40.52 -6.48
N LEU B 236 3.14 -39.58 -7.11
CA LEU B 236 3.96 -39.86 -8.29
C LEU B 236 5.18 -40.71 -8.03
N ASN B 237 5.55 -41.52 -9.02
CA ASN B 237 6.76 -42.33 -8.87
C ASN B 237 7.91 -41.36 -9.12
N GLN B 238 9.11 -41.81 -8.80
CA GLN B 238 10.32 -41.02 -8.95
C GLN B 238 10.47 -40.40 -10.34
N HIS B 239 10.15 -41.17 -11.38
CA HIS B 239 10.25 -40.69 -12.74
C HIS B 239 9.32 -39.50 -12.99
N ASP B 240 8.05 -39.65 -12.64
CA ASP B 240 7.08 -38.58 -12.87
C ASP B 240 7.36 -37.36 -11.98
N GLN B 241 7.89 -37.59 -10.78
CA GLN B 241 8.21 -36.48 -9.90
C GLN B 241 9.24 -35.61 -10.60
N GLY B 242 10.20 -36.25 -11.24
CA GLY B 242 11.23 -35.52 -11.96
C GLY B 242 10.60 -34.68 -13.06
N LEU B 243 9.66 -35.27 -13.80
CA LEU B 243 9.00 -34.56 -14.87
C LEU B 243 8.19 -33.37 -14.35
N LEU B 244 7.41 -33.61 -13.31
CA LEU B 244 6.59 -32.53 -12.74
C LEU B 244 7.48 -31.35 -12.35
N ILE B 245 8.57 -31.65 -11.65
CA ILE B 245 9.49 -30.60 -11.23
C ILE B 245 10.07 -29.86 -12.46
N SER B 246 10.41 -30.61 -13.50
CA SER B 246 10.95 -30.01 -14.71
C SER B 246 9.91 -29.12 -15.41
N TYR B 247 8.63 -29.37 -15.15
CA TYR B 247 7.60 -28.55 -15.77
C TYR B 247 7.29 -27.30 -14.97
N PHE B 248 7.93 -27.15 -13.82
CA PHE B 248 7.72 -25.97 -12.97
C PHE B 248 7.96 -24.70 -13.79
N LYS B 249 7.01 -23.77 -13.73
CA LYS B 249 7.07 -22.51 -14.45
C LYS B 249 7.18 -22.60 -15.97
N GLN B 250 6.95 -23.79 -16.52
CA GLN B 250 7.00 -23.96 -17.96
C GLN B 250 5.61 -23.72 -18.54
N ASP B 251 5.54 -23.43 -19.83
CA ASP B 251 4.26 -23.08 -20.45
C ASP B 251 4.04 -23.74 -21.81
N SER B 252 3.24 -24.81 -21.84
CA SER B 252 2.95 -25.51 -23.09
C SER B 252 1.69 -26.37 -22.98
N HIS B 253 1.05 -26.58 -24.12
CA HIS B 253 -0.17 -27.38 -24.19
C HIS B 253 0.08 -28.82 -23.77
N GLU B 254 1.25 -29.34 -24.12
CA GLU B 254 1.61 -30.71 -23.80
C GLU B 254 1.77 -30.94 -22.30
N ILE B 255 2.33 -29.95 -21.62
CA ILE B 255 2.50 -30.06 -20.17
C ILE B 255 1.12 -30.08 -19.51
N ILE B 256 0.22 -29.23 -19.99
CA ILE B 256 -1.13 -29.21 -19.44
C ILE B 256 -1.79 -30.59 -19.63
N GLU B 257 -1.73 -31.14 -20.84
CA GLU B 257 -2.33 -32.45 -21.08
C GLU B 257 -1.72 -33.54 -20.21
N TRP B 258 -0.40 -33.53 -20.05
CA TRP B 258 0.27 -34.53 -19.22
C TRP B 258 -0.22 -34.40 -17.77
N THR B 259 -0.29 -33.16 -17.29
CA THR B 259 -0.74 -32.89 -15.92
C THR B 259 -2.18 -33.34 -15.69
N LYS B 260 -3.05 -33.13 -16.67
CA LYS B 260 -4.44 -33.55 -16.50
C LYS B 260 -4.56 -35.07 -16.40
N GLU B 261 -3.73 -35.78 -17.15
CA GLU B 261 -3.75 -37.23 -17.11
C GLU B 261 -3.28 -37.74 -15.76
N LYS B 262 -2.27 -37.08 -15.20
CA LYS B 262 -1.72 -37.48 -13.92
C LYS B 262 -2.71 -37.22 -12.78
N PHE B 263 -3.44 -36.11 -12.84
CA PHE B 263 -4.43 -35.82 -11.80
C PHE B 263 -5.50 -36.93 -11.84
N LYS B 264 -5.92 -37.30 -13.05
CA LYS B 264 -6.92 -38.34 -13.22
C LYS B 264 -6.38 -39.68 -12.71
N GLN B 265 -5.14 -39.98 -13.10
CA GLN B 265 -4.51 -41.23 -12.71
C GLN B 265 -4.52 -41.48 -11.20
N TYR B 266 -4.33 -40.42 -10.42
CA TYR B 266 -4.30 -40.58 -8.98
C TYR B 266 -5.50 -39.97 -8.26
N GLY B 267 -6.58 -39.73 -8.99
CA GLY B 267 -7.78 -39.18 -8.41
C GLY B 267 -7.56 -37.91 -7.60
N ILE B 268 -6.70 -37.03 -8.11
CA ILE B 268 -6.38 -35.80 -7.41
C ILE B 268 -7.53 -34.81 -7.35
N ILE B 269 -8.36 -34.78 -8.39
CA ILE B 269 -9.48 -33.85 -8.40
C ILE B 269 -10.43 -34.12 -7.24
N GLU B 270 -10.82 -35.37 -7.06
CA GLU B 270 -11.74 -35.71 -5.97
C GLU B 270 -11.03 -35.51 -4.62
N GLU B 271 -9.75 -35.84 -4.55
CA GLU B 271 -9.01 -35.70 -3.30
C GLU B 271 -8.95 -34.22 -2.89
N THR B 272 -8.75 -33.35 -3.87
CA THR B 272 -8.67 -31.91 -3.60
C THR B 272 -10.03 -31.40 -3.16
N LEU B 273 -11.07 -31.83 -3.87
CA LEU B 273 -12.42 -31.42 -3.57
C LEU B 273 -12.83 -31.80 -2.15
N LYS B 274 -12.49 -33.01 -1.73
CA LYS B 274 -12.81 -33.46 -0.38
C LYS B 274 -12.12 -32.63 0.69
N THR B 275 -10.92 -32.16 0.40
CA THR B 275 -10.20 -31.34 1.39
C THR B 275 -11.00 -30.06 1.62
N ALA B 276 -11.55 -29.50 0.54
CA ALA B 276 -12.34 -28.28 0.62
C ALA B 276 -13.66 -28.53 1.33
N GLN B 277 -14.29 -29.69 1.08
CA GLN B 277 -15.55 -30.03 1.71
C GLN B 277 -15.44 -30.08 3.23
N VAL B 278 -14.26 -30.44 3.73
CA VAL B 278 -14.07 -30.49 5.18
C VAL B 278 -14.28 -29.08 5.71
N TYR B 279 -13.65 -28.10 5.07
CA TYR B 279 -13.80 -26.71 5.49
C TYR B 279 -15.22 -26.21 5.30
N SER B 280 -15.85 -26.61 4.20
CA SER B 280 -17.21 -26.19 3.92
C SER B 280 -18.14 -26.69 5.04
N LYS B 281 -17.92 -27.92 5.47
CA LYS B 281 -18.71 -28.52 6.54
C LYS B 281 -18.48 -27.76 7.83
N LYS B 282 -17.23 -27.42 8.12
CA LYS B 282 -16.90 -26.66 9.33
C LYS B 282 -17.59 -25.31 9.31
N ALA B 283 -17.64 -24.66 8.15
CA ALA B 283 -18.30 -23.37 8.04
C ALA B 283 -19.78 -23.49 8.43
N LEU B 284 -20.47 -24.43 7.80
CA LEU B 284 -21.88 -24.65 8.06
C LEU B 284 -22.08 -25.00 9.53
N GLU B 285 -21.14 -25.78 10.07
CA GLU B 285 -21.19 -26.19 11.48
C GLU B 285 -21.19 -24.96 12.39
N ALA B 286 -20.25 -24.06 12.13
CA ALA B 286 -20.10 -22.83 12.91
C ALA B 286 -21.40 -22.03 13.04
N ILE B 287 -22.16 -21.92 11.96
CA ILE B 287 -23.40 -21.16 11.99
C ILE B 287 -24.64 -22.05 12.16
N LYS B 288 -24.44 -23.26 12.65
CA LYS B 288 -25.53 -24.21 12.86
C LYS B 288 -26.59 -23.53 13.73
N GLY B 289 -26.13 -22.95 14.85
CA GLY B 289 -27.03 -22.27 15.76
C GLY B 289 -27.90 -21.22 15.10
N GLU B 290 -27.27 -20.31 14.36
CA GLU B 290 -27.98 -19.25 13.67
C GLU B 290 -28.85 -19.88 12.59
N ASN B 291 -29.61 -19.04 11.87
CA ASN B 291 -30.47 -19.54 10.80
C ASN B 291 -30.28 -18.63 9.60
N ASN B 292 -29.02 -18.50 9.18
CA ASN B 292 -28.69 -17.63 8.06
C ASN B 292 -28.69 -18.39 6.73
N LEU B 293 -29.78 -18.25 5.99
CA LEU B 293 -29.94 -18.92 4.71
C LEU B 293 -28.95 -18.46 3.65
N ILE B 294 -28.66 -17.15 3.63
CA ILE B 294 -27.72 -16.61 2.65
C ILE B 294 -26.33 -17.20 2.81
N LEU B 295 -25.81 -17.23 4.03
CA LEU B 295 -24.48 -17.78 4.29
C LEU B 295 -24.41 -19.27 4.03
N GLU B 296 -25.49 -19.97 4.37
CA GLU B 296 -25.55 -21.40 4.17
C GLU B 296 -25.61 -21.64 2.68
N LYS B 297 -26.28 -20.76 1.95
CA LYS B 297 -26.39 -20.85 0.50
C LYS B 297 -25.01 -20.71 -0.14
N LEU B 298 -24.28 -19.68 0.28
CA LEU B 298 -22.95 -19.40 -0.25
C LEU B 298 -21.90 -20.47 0.13
N ALA B 299 -22.01 -20.99 1.35
CA ALA B 299 -21.07 -21.99 1.82
C ALA B 299 -21.24 -23.33 1.10
N GLN B 300 -22.47 -23.58 0.63
CA GLN B 300 -22.75 -24.82 -0.10
C GLN B 300 -22.38 -24.67 -1.56
N ASP B 301 -22.70 -23.50 -2.13
CA ASP B 301 -22.45 -23.21 -3.53
C ASP B 301 -20.97 -23.12 -3.93
N VAL B 302 -20.10 -22.76 -2.99
CA VAL B 302 -18.69 -22.66 -3.33
C VAL B 302 -18.12 -24.03 -3.66
N ILE B 303 -18.64 -25.06 -3.01
CA ILE B 303 -18.17 -26.42 -3.22
C ILE B 303 -18.63 -27.09 -4.52
N SER B 304 -19.71 -26.59 -5.12
CA SER B 304 -20.21 -27.17 -6.36
C SER B 304 -19.77 -26.34 -7.55
N ARG B 305 -18.46 -26.08 -7.63
CA ARG B 305 -17.87 -25.29 -8.71
C ARG B 305 -18.08 -23.80 -8.51
MG MG C . 15.45 15.08 -5.09
MG MG D . -6.74 -18.84 -8.90
#